data_6GQL
#
_entry.id   6GQL
#
_cell.length_a   88.900
_cell.length_b   91.670
_cell.length_c   92.270
_cell.angle_alpha   90.00
_cell.angle_beta   90.00
_cell.angle_gamma   90.00
#
_symmetry.space_group_name_H-M   'P 21 21 21'
#
loop_
_entity.id
_entity.type
_entity.pdbx_description
1 polymer 'Mast/stem cell growth factor receptor Kit'
2 non-polymer ~{N}-[4-(6,7-dimethoxyquinazolin-4-yl)oxyphenyl]-2-(4-propan-2-yl-1,2,3-triazol-1-yl)ethanamide
3 water water
#
_entity_poly.entity_id   1
_entity_poly.type   'polypeptide(L)'
_entity_poly.pdbx_seq_one_letter_code
;GSHMPMYEVQWKVVEESNGNNYSYIDPTQLPYDHKWEFPRNRLSFGKTLGAGAFGKVVEATAQGLIKSDAAMTVAVKMLK
PSAHSTEREALMSELKVLSYLGNHENIVNLLGACTHGGPTLVITEYCCYGDLLNFLRRKRDEFVPYKVAPEDLYKDFLTL
EHLLSFSYQVAKGMAFLASKNCIHRDLAARNILLTHGNITKICDFGLARDIKNDSNYVDKGNARLPVKWMAPESIFNSVY
TFESDVWSYGIFLWELFSLGSSPYPGMPVDSKFYKMIKEGFRMSSPEYAPAEMYDIMKTCWDADPDKRPTFKQIVQDIEK
QISESTNH
;
_entity_poly.pdbx_strand_id   A,B
#
# COMPACT_ATOMS: atom_id res chain seq x y z
N TYR A 22 -21.36 2.11 -24.25
CA TYR A 22 -22.67 1.49 -24.43
C TYR A 22 -22.62 -0.08 -24.36
N SER A 23 -22.75 -0.77 -25.54
CA SER A 23 -22.79 -2.23 -25.74
C SER A 23 -24.15 -2.85 -25.39
N TYR A 24 -24.38 -3.26 -24.11
CA TYR A 24 -25.65 -3.86 -23.68
C TYR A 24 -26.53 -2.89 -22.90
N ILE A 25 -25.90 -1.99 -22.16
CA ILE A 25 -26.60 -1.00 -21.34
C ILE A 25 -26.15 0.42 -21.75
N ASP A 26 -27.09 1.38 -21.71
CA ASP A 26 -26.81 2.79 -22.00
C ASP A 26 -26.38 3.44 -20.67
N PRO A 27 -25.07 3.75 -20.51
CA PRO A 27 -24.60 4.32 -19.23
C PRO A 27 -25.23 5.65 -18.84
N THR A 28 -25.74 6.44 -19.83
CA THR A 28 -26.42 7.73 -19.58
C THR A 28 -27.76 7.55 -18.85
N GLN A 29 -28.40 6.36 -18.96
CA GLN A 29 -29.73 6.10 -18.34
C GLN A 29 -29.63 5.54 -16.92
N LEU A 30 -28.43 5.09 -16.51
CA LEU A 30 -28.17 4.56 -15.17
C LEU A 30 -28.30 5.67 -14.14
N PRO A 31 -28.82 5.42 -12.92
CA PRO A 31 -28.94 6.52 -11.96
C PRO A 31 -27.67 6.78 -11.15
N TYR A 32 -27.58 7.98 -10.57
CA TYR A 32 -26.50 8.38 -9.67
C TYR A 32 -27.10 8.57 -8.27
N ASP A 33 -26.61 7.79 -7.30
CA ASP A 33 -27.10 7.88 -5.92
C ASP A 33 -26.44 9.07 -5.23
N HIS A 34 -27.24 10.04 -4.77
CA HIS A 34 -26.73 11.26 -4.11
C HIS A 34 -26.09 11.00 -2.73
N LYS A 35 -26.12 9.74 -2.25
CA LYS A 35 -25.47 9.30 -1.00
C LYS A 35 -23.92 9.44 -1.13
N TRP A 36 -23.41 9.50 -2.39
CA TRP A 36 -21.99 9.63 -2.74
C TRP A 36 -21.48 11.08 -2.66
N GLU A 37 -22.39 12.08 -2.69
CA GLU A 37 -22.03 13.51 -2.66
C GLU A 37 -21.09 13.89 -1.49
N PHE A 38 -19.95 14.51 -1.84
CA PHE A 38 -18.90 14.92 -0.91
C PHE A 38 -18.56 16.42 -1.14
N PRO A 39 -18.37 17.27 -0.08
CA PRO A 39 -18.03 18.70 -0.32
C PRO A 39 -16.61 18.86 -0.85
N ARG A 40 -16.45 19.58 -1.97
CA ARG A 40 -15.14 19.74 -2.64
C ARG A 40 -14.12 20.59 -1.87
N ASN A 41 -14.60 21.43 -0.93
CA ASN A 41 -13.72 22.26 -0.09
C ASN A 41 -12.97 21.40 0.95
N ARG A 42 -13.38 20.12 1.14
CA ARG A 42 -12.76 19.16 2.05
C ARG A 42 -11.63 18.31 1.39
N LEU A 43 -11.27 18.64 0.13
CA LEU A 43 -10.20 17.97 -0.62
C LEU A 43 -8.97 18.89 -0.75
N SER A 44 -7.77 18.33 -0.53
CA SER A 44 -6.50 19.03 -0.67
C SER A 44 -5.71 18.26 -1.73
N PHE A 45 -5.53 18.87 -2.91
CA PHE A 45 -4.86 18.25 -4.05
C PHE A 45 -3.33 18.23 -3.94
N GLY A 46 -2.75 17.09 -4.32
CA GLY A 46 -1.32 16.87 -4.33
C GLY A 46 -0.79 16.71 -5.74
N LYS A 47 0.12 15.76 -5.93
CA LYS A 47 0.75 15.51 -7.22
C LYS A 47 -0.18 14.83 -8.24
N THR A 48 0.04 15.14 -9.52
CA THR A 48 -0.69 14.53 -10.64
C THR A 48 -0.08 13.16 -10.85
N LEU A 49 -0.92 12.11 -10.80
CA LEU A 49 -0.49 10.71 -10.96
C LEU A 49 -0.43 10.29 -12.45
N GLY A 50 -1.30 10.89 -13.27
CA GLY A 50 -1.39 10.61 -14.69
C GLY A 50 -2.26 11.62 -15.41
N ALA A 51 -1.93 11.91 -16.67
CA ALA A 51 -2.68 12.87 -17.48
C ALA A 51 -2.71 12.50 -18.95
N GLY A 52 -3.84 12.80 -19.57
CA GLY A 52 -4.09 12.64 -21.00
C GLY A 52 -4.36 14.01 -21.59
N ALA A 53 -4.84 14.03 -22.85
CA ALA A 53 -5.16 15.27 -23.55
C ALA A 53 -6.27 16.10 -22.88
N PHE A 54 -7.30 15.43 -22.31
CA PHE A 54 -8.50 16.08 -21.74
C PHE A 54 -8.79 15.83 -20.27
N GLY A 55 -8.10 14.87 -19.67
CA GLY A 55 -8.32 14.49 -18.27
C GLY A 55 -7.08 14.15 -17.49
N LYS A 56 -7.24 14.05 -16.16
CA LYS A 56 -6.15 13.73 -15.25
C LYS A 56 -6.61 13.03 -13.98
N VAL A 57 -5.68 12.33 -13.33
CA VAL A 57 -5.87 11.68 -12.03
C VAL A 57 -4.84 12.30 -11.06
N VAL A 58 -5.33 12.89 -9.95
CA VAL A 58 -4.41 13.48 -8.97
C VAL A 58 -4.59 12.80 -7.60
N GLU A 59 -3.50 12.76 -6.81
CA GLU A 59 -3.49 12.24 -5.44
C GLU A 59 -4.06 13.37 -4.55
N ALA A 60 -4.95 13.05 -3.59
CA ALA A 60 -5.54 14.06 -2.69
C ALA A 60 -5.77 13.53 -1.28
N THR A 61 -5.92 14.46 -0.33
CA THR A 61 -6.25 14.20 1.06
C THR A 61 -7.72 14.63 1.26
N ALA A 62 -8.57 13.70 1.71
CA ALA A 62 -9.99 13.95 1.96
C ALA A 62 -10.21 14.00 3.49
N GLN A 63 -10.80 15.10 3.98
CA GLN A 63 -11.06 15.29 5.42
C GLN A 63 -12.54 15.16 5.73
N GLY A 64 -12.87 14.32 6.70
CA GLY A 64 -14.24 14.04 7.09
C GLY A 64 -14.87 12.87 6.35
N LEU A 65 -14.05 12.10 5.60
CA LEU A 65 -14.52 10.92 4.87
C LEU A 65 -14.59 9.76 5.85
N ILE A 66 -13.77 9.80 6.91
CA ILE A 66 -13.74 8.82 8.00
C ILE A 66 -14.61 9.40 9.14
N LYS A 67 -15.40 8.54 9.80
CA LYS A 67 -16.31 8.88 10.90
C LYS A 67 -15.63 9.58 12.09
N SER A 68 -14.32 9.28 12.32
CA SER A 68 -13.49 9.78 13.43
C SER A 68 -12.49 10.99 13.22
N ASP A 69 -12.76 11.99 12.35
CA ASP A 69 -11.90 13.17 12.09
C ASP A 69 -10.50 12.84 11.50
N ALA A 70 -10.21 11.57 11.17
CA ALA A 70 -8.93 11.17 10.58
C ALA A 70 -8.90 11.39 9.04
N ALA A 71 -7.81 12.00 8.51
CA ALA A 71 -7.65 12.28 7.08
C ALA A 71 -7.32 11.00 6.31
N MET A 72 -7.65 10.99 5.01
CA MET A 72 -7.36 9.81 4.18
C MET A 72 -6.94 10.21 2.77
N THR A 73 -5.95 9.48 2.24
CA THR A 73 -5.41 9.63 0.89
C THR A 73 -6.34 8.94 -0.10
N VAL A 74 -6.70 9.66 -1.18
CA VAL A 74 -7.62 9.21 -2.23
C VAL A 74 -7.04 9.58 -3.62
N ALA A 75 -7.66 9.04 -4.68
CA ALA A 75 -7.34 9.38 -6.07
C ALA A 75 -8.55 10.15 -6.61
N VAL A 76 -8.31 11.26 -7.32
CA VAL A 76 -9.40 12.09 -7.88
C VAL A 76 -9.25 12.20 -9.40
N LYS A 77 -10.29 11.81 -10.14
CA LYS A 77 -10.34 11.94 -11.60
C LYS A 77 -11.15 13.20 -11.94
N MET A 78 -10.60 14.04 -12.83
CA MET A 78 -11.21 15.29 -13.28
C MET A 78 -10.78 15.64 -14.71
N LEU A 79 -11.52 16.54 -15.36
CA LEU A 79 -11.19 17.02 -16.70
C LEU A 79 -10.33 18.29 -16.67
N LYS A 80 -9.57 18.51 -17.76
CA LYS A 80 -8.75 19.70 -17.96
C LYS A 80 -9.59 20.78 -18.70
N PRO A 81 -9.22 22.09 -18.67
CA PRO A 81 -9.95 23.10 -19.45
C PRO A 81 -10.01 22.86 -20.97
N SER A 82 -9.20 21.90 -21.49
CA SER A 82 -9.15 21.50 -22.89
C SER A 82 -10.35 20.61 -23.32
N ALA A 83 -11.05 20.00 -22.33
CA ALA A 83 -12.18 19.08 -22.57
C ALA A 83 -13.43 19.75 -23.21
N HIS A 84 -14.19 18.97 -23.98
CA HIS A 84 -15.41 19.42 -24.66
C HIS A 84 -16.66 18.69 -24.08
N SER A 85 -17.85 18.93 -24.65
CA SER A 85 -19.12 18.35 -24.16
C SER A 85 -19.12 16.82 -24.15
N THR A 86 -18.45 16.17 -25.13
CA THR A 86 -18.32 14.71 -25.25
C THR A 86 -17.60 14.14 -24.02
N GLU A 87 -16.48 14.79 -23.61
CA GLU A 87 -15.70 14.35 -22.45
C GLU A 87 -16.45 14.59 -21.13
N ARG A 88 -17.21 15.70 -21.03
CA ARG A 88 -18.02 16.03 -19.84
C ARG A 88 -19.14 14.97 -19.65
N GLU A 89 -19.75 14.50 -20.76
CA GLU A 89 -20.76 13.44 -20.71
C GLU A 89 -20.08 12.12 -20.32
N ALA A 90 -18.88 11.83 -20.88
CA ALA A 90 -18.17 10.59 -20.57
C ALA A 90 -17.77 10.47 -19.09
N LEU A 91 -17.32 11.56 -18.41
CA LEU A 91 -16.96 11.48 -16.98
C LEU A 91 -18.21 11.21 -16.09
N MET A 92 -19.36 11.84 -16.43
CA MET A 92 -20.64 11.64 -15.74
C MET A 92 -21.13 10.18 -15.93
N SER A 93 -20.99 9.63 -17.15
CA SER A 93 -21.35 8.22 -17.44
C SER A 93 -20.49 7.24 -16.64
N GLU A 94 -19.18 7.54 -16.45
CA GLU A 94 -18.29 6.69 -15.64
C GLU A 94 -18.78 6.68 -14.19
N LEU A 95 -19.16 7.86 -13.68
CA LEU A 95 -19.65 7.98 -12.31
C LEU A 95 -20.95 7.15 -12.13
N LYS A 96 -21.91 7.22 -13.09
CA LYS A 96 -23.17 6.45 -13.05
C LYS A 96 -22.88 4.94 -13.02
N VAL A 97 -21.93 4.44 -13.83
CA VAL A 97 -21.53 3.02 -13.88
C VAL A 97 -20.93 2.56 -12.51
N LEU A 98 -20.04 3.37 -11.92
CA LEU A 98 -19.41 3.07 -10.63
C LEU A 98 -20.46 3.02 -9.50
N SER A 99 -21.42 3.96 -9.51
CA SER A 99 -22.51 3.99 -8.53
C SER A 99 -23.42 2.73 -8.70
N TYR A 100 -23.70 2.35 -9.98
CA TYR A 100 -24.54 1.18 -10.32
C TYR A 100 -23.90 -0.15 -9.92
N LEU A 101 -22.58 -0.27 -10.11
CA LEU A 101 -21.85 -1.49 -9.80
C LEU A 101 -21.79 -1.80 -8.31
N GLY A 102 -21.59 -0.78 -7.49
CA GLY A 102 -21.41 -0.93 -6.06
C GLY A 102 -20.00 -1.44 -5.79
N ASN A 103 -19.61 -1.55 -4.54
CA ASN A 103 -18.23 -1.98 -4.27
C ASN A 103 -17.99 -3.48 -4.50
N HIS A 104 -16.79 -3.83 -4.94
CA HIS A 104 -16.34 -5.21 -5.17
C HIS A 104 -14.84 -5.24 -4.87
N GLU A 105 -14.37 -6.31 -4.20
CA GLU A 105 -12.95 -6.48 -3.82
C GLU A 105 -11.94 -6.45 -5.00
N ASN A 106 -12.34 -6.91 -6.20
CA ASN A 106 -11.44 -6.98 -7.35
C ASN A 106 -11.53 -5.80 -8.31
N ILE A 107 -12.33 -4.75 -7.97
CA ILE A 107 -12.53 -3.53 -8.79
C ILE A 107 -12.13 -2.28 -7.95
N VAL A 108 -11.62 -1.19 -8.59
CA VAL A 108 -11.32 0.04 -7.83
C VAL A 108 -12.68 0.55 -7.28
N ASN A 109 -12.73 0.88 -5.99
CA ASN A 109 -14.01 1.33 -5.44
C ASN A 109 -14.23 2.81 -5.44
N LEU A 110 -15.50 3.20 -5.62
CA LEU A 110 -15.97 4.57 -5.54
C LEU A 110 -16.07 4.95 -4.06
N LEU A 111 -15.58 6.14 -3.70
CA LEU A 111 -15.64 6.66 -2.32
C LEU A 111 -16.56 7.85 -2.22
N GLY A 112 -16.67 8.62 -3.31
CA GLY A 112 -17.51 9.80 -3.35
C GLY A 112 -17.41 10.55 -4.67
N ALA A 113 -18.12 11.67 -4.76
CA ALA A 113 -18.11 12.54 -5.96
C ALA A 113 -18.59 13.94 -5.64
N CYS A 114 -18.15 14.91 -6.45
CA CYS A 114 -18.54 16.32 -6.35
C CYS A 114 -19.20 16.65 -7.70
N THR A 115 -20.55 16.79 -7.69
CA THR A 115 -21.34 17.05 -8.91
C THR A 115 -21.99 18.45 -8.96
N HIS A 116 -21.82 19.28 -7.90
CA HIS A 116 -22.33 20.67 -7.89
C HIS A 116 -21.22 21.62 -7.42
N GLY A 117 -21.40 22.91 -7.67
CA GLY A 117 -20.46 23.95 -7.28
C GLY A 117 -19.18 24.00 -8.10
N GLY A 118 -19.20 23.34 -9.26
CA GLY A 118 -18.05 23.31 -10.17
C GLY A 118 -17.95 22.04 -11.01
N PRO A 119 -16.78 21.79 -11.65
CA PRO A 119 -16.62 20.58 -12.48
C PRO A 119 -16.73 19.27 -11.70
N THR A 120 -17.16 18.19 -12.39
CA THR A 120 -17.31 16.85 -11.83
C THR A 120 -15.97 16.31 -11.33
N LEU A 121 -15.98 15.81 -10.09
CA LEU A 121 -14.81 15.16 -9.47
C LEU A 121 -15.23 13.75 -9.08
N VAL A 122 -14.44 12.73 -9.47
CA VAL A 122 -14.76 11.34 -9.11
C VAL A 122 -13.68 10.86 -8.14
N ILE A 123 -14.08 10.49 -6.91
CA ILE A 123 -13.17 10.08 -5.83
C ILE A 123 -13.17 8.56 -5.68
N THR A 124 -12.00 7.94 -5.89
CA THR A 124 -11.82 6.48 -5.82
C THR A 124 -10.67 6.16 -4.87
N GLU A 125 -10.54 4.88 -4.48
CA GLU A 125 -9.50 4.43 -3.53
C GLU A 125 -8.09 4.56 -4.14
N TYR A 126 -7.13 4.93 -3.31
CA TYR A 126 -5.73 5.08 -3.68
C TYR A 126 -5.04 3.70 -3.57
N CYS A 127 -4.27 3.30 -4.62
CA CYS A 127 -3.56 2.01 -4.69
C CYS A 127 -2.06 2.28 -4.66
N CYS A 128 -1.43 2.05 -3.49
CA CYS A 128 -0.04 2.37 -3.19
C CYS A 128 1.02 1.86 -4.19
N TYR A 129 0.83 0.71 -4.87
CA TYR A 129 1.85 0.21 -5.79
C TYR A 129 1.67 0.62 -7.28
N GLY A 130 0.64 1.40 -7.60
CA GLY A 130 0.39 1.86 -8.97
C GLY A 130 -0.07 0.78 -9.95
N ASP A 131 0.16 0.99 -11.26
CA ASP A 131 -0.27 0.06 -12.30
C ASP A 131 0.57 -1.23 -12.34
N LEU A 132 -0.08 -2.35 -12.64
CA LEU A 132 0.54 -3.67 -12.69
C LEU A 132 1.64 -3.80 -13.77
N LEU A 133 1.47 -3.14 -14.93
CA LEU A 133 2.46 -3.22 -16.01
C LEU A 133 3.83 -2.72 -15.53
N ASN A 134 3.89 -1.52 -14.91
CA ASN A 134 5.14 -0.95 -14.39
C ASN A 134 5.72 -1.74 -13.22
N PHE A 135 4.86 -2.35 -12.38
CA PHE A 135 5.30 -3.20 -11.26
C PHE A 135 6.05 -4.44 -11.79
N LEU A 136 5.50 -5.13 -12.83
CA LEU A 136 6.11 -6.32 -13.44
C LEU A 136 7.48 -6.01 -14.06
N ARG A 137 7.60 -4.87 -14.74
CA ARG A 137 8.84 -4.43 -15.39
C ARG A 137 9.95 -4.11 -14.36
N ARG A 138 9.56 -3.50 -13.22
CA ARG A 138 10.44 -3.16 -12.10
C ARG A 138 10.91 -4.42 -11.37
N LYS A 139 10.06 -5.46 -11.31
CA LYS A 139 10.33 -6.73 -10.59
C LYS A 139 10.92 -7.83 -11.47
N ARG A 140 10.99 -7.60 -12.79
CA ARG A 140 11.46 -8.53 -13.82
C ARG A 140 12.81 -9.21 -13.52
N ASP A 141 13.83 -8.43 -13.19
CA ASP A 141 15.18 -8.93 -12.97
C ASP A 141 15.35 -9.80 -11.70
N GLU A 142 14.45 -9.69 -10.70
CA GLU A 142 14.56 -10.47 -9.45
C GLU A 142 13.52 -11.59 -9.33
N PHE A 143 12.79 -11.90 -10.41
CA PHE A 143 11.75 -12.94 -10.44
C PHE A 143 12.25 -14.32 -9.99
N VAL A 144 11.43 -15.01 -9.17
CA VAL A 144 11.75 -16.32 -8.61
C VAL A 144 10.63 -17.32 -9.01
N PRO A 145 10.91 -18.36 -9.84
CA PRO A 145 9.84 -19.29 -10.24
C PRO A 145 9.35 -20.22 -9.13
N TYR A 146 10.18 -20.47 -8.11
CA TYR A 146 9.88 -21.39 -7.00
C TYR A 146 9.27 -20.69 -5.78
N LEU A 153 13.47 -13.15 2.08
CA LEU A 153 12.02 -12.97 2.23
C LEU A 153 11.64 -11.50 2.40
N TYR A 154 12.51 -10.72 3.10
CA TYR A 154 12.32 -9.29 3.36
C TYR A 154 12.32 -8.49 2.04
N LYS A 155 13.12 -8.97 1.06
CA LYS A 155 13.38 -8.43 -0.28
C LYS A 155 12.14 -8.25 -1.15
N ASP A 156 11.03 -8.96 -0.84
CA ASP A 156 9.75 -8.92 -1.57
C ASP A 156 9.91 -9.31 -3.06
N PHE A 157 10.53 -10.48 -3.33
CA PHE A 157 10.69 -10.99 -4.69
C PHE A 157 9.35 -11.45 -5.29
N LEU A 158 9.15 -11.18 -6.59
CA LEU A 158 7.98 -11.62 -7.35
C LEU A 158 8.16 -13.11 -7.65
N THR A 159 7.11 -13.93 -7.40
CA THR A 159 7.12 -15.39 -7.61
C THR A 159 6.02 -15.86 -8.57
N LEU A 160 6.08 -17.14 -8.96
CA LEU A 160 5.05 -17.77 -9.80
C LEU A 160 3.71 -17.84 -9.06
N GLU A 161 3.75 -18.04 -7.72
CA GLU A 161 2.57 -18.04 -6.85
C GLU A 161 1.81 -16.71 -6.97
N HIS A 162 2.53 -15.57 -7.01
CA HIS A 162 1.94 -14.23 -7.17
C HIS A 162 1.31 -14.06 -8.55
N LEU A 163 1.94 -14.58 -9.63
CA LEU A 163 1.37 -14.44 -10.98
C LEU A 163 0.06 -15.23 -11.13
N LEU A 164 -0.03 -16.41 -10.50
CA LEU A 164 -1.27 -17.20 -10.54
C LEU A 164 -2.42 -16.52 -9.79
N SER A 165 -2.10 -15.88 -8.64
CA SER A 165 -3.05 -15.14 -7.81
C SER A 165 -3.58 -13.89 -8.57
N PHE A 166 -2.68 -13.16 -9.27
CA PHE A 166 -3.08 -12.00 -10.07
C PHE A 166 -4.04 -12.42 -11.21
N SER A 167 -3.74 -13.53 -11.89
CA SER A 167 -4.56 -14.04 -12.98
C SER A 167 -6.00 -14.43 -12.47
N TYR A 168 -6.06 -15.02 -11.27
CA TYR A 168 -7.30 -15.43 -10.58
C TYR A 168 -8.16 -14.21 -10.16
N GLN A 169 -7.53 -13.20 -9.54
CA GLN A 169 -8.22 -12.00 -9.08
C GLN A 169 -8.79 -11.18 -10.23
N VAL A 170 -8.06 -11.10 -11.35
CA VAL A 170 -8.51 -10.36 -12.55
C VAL A 170 -9.72 -11.09 -13.22
N ALA A 171 -9.66 -12.43 -13.31
CA ALA A 171 -10.77 -13.21 -13.87
C ALA A 171 -12.04 -13.08 -12.98
N LYS A 172 -11.89 -13.04 -11.63
CA LYS A 172 -13.01 -12.88 -10.67
C LYS A 172 -13.69 -11.50 -10.82
N GLY A 173 -12.89 -10.44 -10.95
CA GLY A 173 -13.40 -9.09 -11.18
C GLY A 173 -14.13 -8.97 -12.52
N MET A 174 -13.59 -9.59 -13.57
CA MET A 174 -14.20 -9.61 -14.91
C MET A 174 -15.51 -10.43 -14.94
N ALA A 175 -15.56 -11.54 -14.17
CA ALA A 175 -16.77 -12.36 -14.01
C ALA A 175 -17.87 -11.52 -13.33
N PHE A 176 -17.49 -10.64 -12.41
CA PHE A 176 -18.42 -9.74 -11.74
C PHE A 176 -18.95 -8.66 -12.71
N LEU A 177 -18.08 -8.04 -13.52
CA LEU A 177 -18.49 -7.01 -14.49
C LEU A 177 -19.47 -7.62 -15.52
N ALA A 178 -19.17 -8.84 -16.02
CA ALA A 178 -20.04 -9.52 -16.98
C ALA A 178 -21.43 -9.81 -16.38
N SER A 179 -21.49 -10.16 -15.07
CA SER A 179 -22.77 -10.45 -14.39
C SER A 179 -23.66 -9.19 -14.24
N LYS A 180 -23.05 -8.00 -14.35
CA LYS A 180 -23.71 -6.70 -14.26
C LYS A 180 -23.94 -6.12 -15.67
N ASN A 181 -23.69 -6.93 -16.71
CA ASN A 181 -23.82 -6.59 -18.14
C ASN A 181 -22.88 -5.47 -18.59
N CYS A 182 -21.68 -5.42 -18.02
CA CYS A 182 -20.66 -4.43 -18.35
C CYS A 182 -19.58 -5.01 -19.21
N ILE A 183 -19.17 -4.27 -20.25
CA ILE A 183 -18.05 -4.62 -21.15
C ILE A 183 -16.93 -3.61 -20.84
N HIS A 184 -15.71 -4.07 -20.52
CA HIS A 184 -14.59 -3.17 -20.21
C HIS A 184 -14.08 -2.41 -21.44
N ARG A 185 -13.75 -3.15 -22.55
CA ARG A 185 -13.24 -2.63 -23.85
C ARG A 185 -11.73 -2.29 -23.88
N ASP A 186 -11.03 -2.20 -22.73
CA ASP A 186 -9.60 -1.89 -22.71
C ASP A 186 -8.86 -2.63 -21.58
N LEU A 187 -9.17 -3.93 -21.42
CA LEU A 187 -8.52 -4.77 -20.43
C LEU A 187 -7.06 -5.05 -20.88
N ALA A 188 -6.10 -4.74 -19.99
CA ALA A 188 -4.64 -4.84 -20.21
C ALA A 188 -3.96 -4.62 -18.86
N ALA A 189 -2.66 -5.01 -18.71
CA ALA A 189 -1.91 -4.83 -17.47
C ALA A 189 -1.80 -3.36 -17.04
N ARG A 190 -1.76 -2.41 -18.01
CA ARG A 190 -1.72 -0.96 -17.74
C ARG A 190 -3.03 -0.46 -17.08
N ASN A 191 -4.12 -1.27 -17.17
CA ASN A 191 -5.45 -0.93 -16.59
C ASN A 191 -5.80 -1.83 -15.37
N ILE A 192 -4.77 -2.29 -14.66
CA ILE A 192 -4.88 -3.06 -13.41
C ILE A 192 -4.01 -2.32 -12.39
N LEU A 193 -4.55 -2.05 -11.19
CA LEU A 193 -3.80 -1.42 -10.10
C LEU A 193 -3.48 -2.45 -9.01
N LEU A 194 -2.40 -2.21 -8.28
CA LEU A 194 -1.96 -3.11 -7.21
C LEU A 194 -1.94 -2.34 -5.89
N THR A 195 -2.60 -2.92 -4.89
CA THR A 195 -2.68 -2.33 -3.57
C THR A 195 -2.02 -3.32 -2.56
N HIS A 196 -2.26 -3.13 -1.26
CA HIS A 196 -1.75 -3.93 -0.14
C HIS A 196 -2.05 -5.44 -0.27
N GLY A 197 -1.13 -6.26 0.21
CA GLY A 197 -1.24 -7.72 0.27
C GLY A 197 -1.42 -8.43 -1.06
N ASN A 198 -0.72 -7.93 -2.12
CA ASN A 198 -0.75 -8.45 -3.48
C ASN A 198 -2.18 -8.55 -4.06
N ILE A 199 -3.00 -7.55 -3.75
CA ILE A 199 -4.38 -7.44 -4.21
C ILE A 199 -4.41 -6.56 -5.48
N THR A 200 -5.03 -7.07 -6.55
CA THR A 200 -5.19 -6.36 -7.81
C THR A 200 -6.59 -5.78 -7.92
N LYS A 201 -6.72 -4.63 -8.59
CA LYS A 201 -8.00 -3.95 -8.81
C LYS A 201 -8.12 -3.51 -10.27
N ILE A 202 -9.17 -3.98 -10.94
CA ILE A 202 -9.44 -3.58 -12.33
C ILE A 202 -9.83 -2.11 -12.34
N CYS A 203 -9.26 -1.35 -13.27
CA CYS A 203 -9.54 0.08 -13.41
C CYS A 203 -9.64 0.45 -14.90
N ASP A 204 -9.89 1.74 -15.18
CA ASP A 204 -9.87 2.28 -16.53
C ASP A 204 -9.38 3.72 -16.45
N PHE A 205 -8.11 3.97 -16.83
CA PHE A 205 -7.54 5.33 -16.82
C PHE A 205 -8.29 6.25 -17.80
N GLY A 206 -8.75 5.69 -18.93
CA GLY A 206 -9.52 6.39 -19.96
C GLY A 206 -8.91 7.70 -20.42
N LEU A 207 -9.62 8.80 -20.17
CA LEU A 207 -9.19 10.15 -20.56
C LEU A 207 -7.93 10.65 -19.82
N ALA A 208 -7.57 10.02 -18.68
CA ALA A 208 -6.36 10.35 -17.91
C ALA A 208 -5.09 9.64 -18.44
N ARG A 209 -5.18 8.98 -19.62
CA ARG A 209 -4.01 8.36 -20.28
C ARG A 209 -3.71 9.12 -21.56
N ASP A 210 -2.43 9.46 -21.79
CA ASP A 210 -1.97 10.12 -23.00
C ASP A 210 -1.86 9.06 -24.12
N ILE A 211 -2.99 8.69 -24.76
CA ILE A 211 -3.01 7.66 -25.81
C ILE A 211 -2.32 8.11 -27.13
N LYS A 212 -2.16 9.44 -27.36
CA LYS A 212 -1.48 9.98 -28.54
C LYS A 212 0.03 9.67 -28.52
N ASN A 213 0.64 9.59 -27.33
CA ASN A 213 2.08 9.33 -27.21
C ASN A 213 2.42 7.92 -26.67
N ASP A 214 1.41 7.03 -26.56
CA ASP A 214 1.57 5.63 -26.10
C ASP A 214 1.57 4.73 -27.35
N SER A 215 2.70 4.05 -27.60
CA SER A 215 2.88 3.17 -28.77
C SER A 215 1.98 1.90 -28.76
N ASN A 216 1.31 1.60 -27.63
CA ASN A 216 0.39 0.46 -27.50
C ASN A 216 -1.00 0.76 -28.10
N TYR A 217 -1.23 2.03 -28.50
CA TYR A 217 -2.45 2.51 -29.15
C TYR A 217 -2.03 2.87 -30.58
N VAL A 218 -2.84 2.46 -31.57
CA VAL A 218 -2.56 2.61 -33.00
C VAL A 218 -3.66 3.41 -33.70
N ASP A 219 -3.27 4.25 -34.68
CA ASP A 219 -4.19 5.01 -35.51
C ASP A 219 -4.91 4.02 -36.43
N LYS A 220 -6.25 3.99 -36.34
CA LYS A 220 -7.11 3.12 -37.15
C LYS A 220 -8.37 3.93 -37.41
N GLY A 221 -8.44 4.49 -38.62
CA GLY A 221 -9.51 5.39 -39.02
C GLY A 221 -9.32 6.72 -38.32
N ASN A 222 -10.40 7.25 -37.70
CA ASN A 222 -10.35 8.50 -36.95
C ASN A 222 -10.18 8.23 -35.43
N ALA A 223 -9.72 7.03 -35.08
CA ALA A 223 -9.51 6.61 -33.69
C ALA A 223 -8.08 6.13 -33.40
N ARG A 224 -7.73 6.08 -32.12
CA ARG A 224 -6.43 5.63 -31.60
C ARG A 224 -6.80 4.47 -30.65
N LEU A 225 -6.62 3.22 -31.14
CA LEU A 225 -7.08 2.02 -30.48
C LEU A 225 -5.98 1.00 -30.06
N PRO A 226 -6.23 0.21 -28.99
CA PRO A 226 -5.24 -0.80 -28.56
C PRO A 226 -5.36 -2.12 -29.36
N VAL A 227 -5.05 -2.07 -30.66
CA VAL A 227 -5.21 -3.15 -31.65
C VAL A 227 -4.62 -4.51 -31.21
N LYS A 228 -3.41 -4.54 -30.60
CA LYS A 228 -2.77 -5.81 -30.17
C LYS A 228 -3.56 -6.56 -29.06
N TRP A 229 -4.52 -5.89 -28.38
CA TRP A 229 -5.36 -6.50 -27.33
C TRP A 229 -6.79 -6.82 -27.82
N MET A 230 -7.13 -6.40 -29.06
CA MET A 230 -8.50 -6.50 -29.61
C MET A 230 -8.81 -7.78 -30.36
N ALA A 231 -10.06 -8.30 -30.18
CA ALA A 231 -10.55 -9.48 -30.88
C ALA A 231 -10.77 -9.13 -32.36
N PRO A 232 -10.66 -10.10 -33.31
CA PRO A 232 -10.89 -9.77 -34.73
C PRO A 232 -12.25 -9.13 -35.05
N GLU A 233 -13.35 -9.56 -34.38
CA GLU A 233 -14.67 -8.96 -34.60
C GLU A 233 -14.73 -7.49 -34.14
N SER A 234 -13.90 -7.09 -33.16
CA SER A 234 -13.84 -5.70 -32.70
C SER A 234 -13.07 -4.84 -33.69
N ILE A 235 -11.98 -5.39 -34.26
CA ILE A 235 -11.13 -4.69 -35.23
C ILE A 235 -11.89 -4.43 -36.54
N PHE A 236 -12.42 -5.50 -37.15
CA PHE A 236 -13.05 -5.43 -38.47
C PHE A 236 -14.54 -5.04 -38.45
N ASN A 237 -15.26 -5.23 -37.32
CA ASN A 237 -16.70 -4.92 -37.29
C ASN A 237 -17.14 -3.96 -36.18
N SER A 238 -16.20 -3.48 -35.31
CA SER A 238 -16.48 -2.59 -34.18
C SER A 238 -17.48 -3.19 -33.16
N VAL A 239 -17.52 -4.53 -33.10
CA VAL A 239 -18.37 -5.30 -32.20
C VAL A 239 -17.62 -5.56 -30.87
N TYR A 240 -18.18 -5.10 -29.74
CA TYR A 240 -17.62 -5.33 -28.40
C TYR A 240 -18.66 -6.09 -27.57
N THR A 241 -18.27 -7.28 -27.08
CA THR A 241 -19.18 -8.18 -26.33
C THR A 241 -18.48 -8.78 -25.09
N PHE A 242 -19.17 -9.71 -24.38
CA PHE A 242 -18.58 -10.44 -23.26
C PHE A 242 -17.37 -11.25 -23.78
N GLU A 243 -17.50 -11.79 -24.99
CA GLU A 243 -16.52 -12.64 -25.68
C GLU A 243 -15.28 -11.90 -26.16
N SER A 244 -15.42 -10.63 -26.59
CA SER A 244 -14.29 -9.80 -27.01
C SER A 244 -13.43 -9.40 -25.79
N ASP A 245 -14.04 -9.22 -24.59
CA ASP A 245 -13.31 -8.95 -23.34
C ASP A 245 -12.46 -10.20 -22.95
N VAL A 246 -12.97 -11.41 -23.25
CA VAL A 246 -12.27 -12.68 -22.99
C VAL A 246 -10.99 -12.75 -23.84
N TRP A 247 -11.04 -12.32 -25.13
CA TRP A 247 -9.86 -12.29 -26.00
C TRP A 247 -8.78 -11.39 -25.36
N SER A 248 -9.16 -10.16 -24.91
CA SER A 248 -8.24 -9.22 -24.23
C SER A 248 -7.60 -9.83 -22.97
N TYR A 249 -8.38 -10.61 -22.20
CA TYR A 249 -7.86 -11.29 -21.02
C TYR A 249 -6.72 -12.27 -21.39
N GLY A 250 -6.86 -12.98 -22.53
CA GLY A 250 -5.83 -13.90 -23.02
C GLY A 250 -4.53 -13.15 -23.33
N ILE A 251 -4.65 -11.95 -23.93
CA ILE A 251 -3.48 -11.07 -24.22
C ILE A 251 -2.85 -10.60 -22.88
N PHE A 252 -3.68 -10.18 -21.88
CA PHE A 252 -3.23 -9.80 -20.53
C PHE A 252 -2.43 -10.97 -19.88
N LEU A 253 -2.89 -12.23 -20.03
CA LEU A 253 -2.16 -13.40 -19.51
C LEU A 253 -0.75 -13.52 -20.12
N TRP A 254 -0.62 -13.23 -21.41
CA TRP A 254 0.67 -13.28 -22.11
C TRP A 254 1.61 -12.21 -21.52
N GLU A 255 1.11 -10.97 -21.29
CA GLU A 255 1.87 -9.85 -20.66
C GLU A 255 2.35 -10.26 -19.26
N LEU A 256 1.45 -10.88 -18.48
CA LEU A 256 1.71 -11.30 -17.11
C LEU A 256 2.84 -12.34 -17.01
N PHE A 257 2.72 -13.45 -17.77
CA PHE A 257 3.72 -14.55 -17.75
C PHE A 257 4.99 -14.28 -18.60
N SER A 258 5.07 -13.08 -19.27
CA SER A 258 6.25 -12.60 -19.98
C SER A 258 6.91 -11.48 -19.13
N LEU A 259 6.34 -11.24 -17.91
CA LEU A 259 6.79 -10.22 -16.94
C LEU A 259 6.82 -8.78 -17.51
N GLY A 260 5.74 -8.41 -18.19
CA GLY A 260 5.59 -7.05 -18.71
C GLY A 260 6.05 -6.78 -20.12
N SER A 261 6.36 -7.81 -20.91
CA SER A 261 6.77 -7.60 -22.31
C SER A 261 5.56 -7.19 -23.15
N SER A 262 5.81 -6.45 -24.25
CA SER A 262 4.78 -6.02 -25.21
C SER A 262 4.34 -7.21 -26.08
N PRO A 263 3.02 -7.37 -26.39
CA PRO A 263 2.59 -8.49 -27.24
C PRO A 263 3.02 -8.39 -28.71
N TYR A 264 3.03 -9.55 -29.41
CA TYR A 264 3.48 -9.72 -30.81
C TYR A 264 4.86 -9.05 -31.00
N PRO A 265 5.88 -9.43 -30.18
CA PRO A 265 7.19 -8.76 -30.29
C PRO A 265 7.81 -8.77 -31.69
N GLY A 266 8.30 -7.61 -32.10
CA GLY A 266 8.94 -7.41 -33.40
C GLY A 266 8.01 -7.26 -34.59
N MET A 267 6.69 -7.25 -34.34
CA MET A 267 5.66 -7.15 -35.38
C MET A 267 4.93 -5.82 -35.31
N PRO A 268 5.13 -4.89 -36.27
CA PRO A 268 4.35 -3.62 -36.22
C PRO A 268 2.90 -3.84 -36.65
N VAL A 269 1.99 -2.95 -36.23
CA VAL A 269 0.58 -3.05 -36.62
C VAL A 269 0.46 -2.43 -38.03
N ASP A 270 0.39 -3.30 -39.06
CA ASP A 270 0.29 -2.94 -40.47
C ASP A 270 -0.65 -3.93 -41.19
N SER A 271 -0.77 -3.85 -42.53
CA SER A 271 -1.64 -4.74 -43.33
C SER A 271 -1.31 -6.23 -43.11
N LYS A 272 -0.01 -6.56 -42.98
CA LYS A 272 0.48 -7.92 -42.73
C LYS A 272 -0.04 -8.43 -41.37
N PHE A 273 -0.10 -7.56 -40.32
CA PHE A 273 -0.62 -7.94 -39.00
C PHE A 273 -2.09 -8.35 -39.04
N TYR A 274 -2.95 -7.53 -39.66
CA TYR A 274 -4.39 -7.81 -39.77
C TYR A 274 -4.65 -9.08 -40.58
N LYS A 275 -3.84 -9.31 -41.64
CA LYS A 275 -3.90 -10.51 -42.48
C LYS A 275 -3.56 -11.76 -41.65
N MET A 276 -2.39 -11.75 -40.96
CA MET A 276 -1.93 -12.87 -40.12
C MET A 276 -2.93 -13.28 -39.02
N ILE A 277 -3.55 -12.29 -38.32
CA ILE A 277 -4.56 -12.55 -37.27
C ILE A 277 -5.82 -13.23 -37.86
N LYS A 278 -6.34 -12.73 -39.00
CA LYS A 278 -7.50 -13.29 -39.72
C LYS A 278 -7.22 -14.73 -40.18
N GLU A 279 -5.96 -14.99 -40.62
CA GLU A 279 -5.51 -16.30 -41.10
C GLU A 279 -5.21 -17.31 -39.97
N GLY A 280 -5.30 -16.87 -38.72
CA GLY A 280 -5.10 -17.73 -37.56
C GLY A 280 -3.76 -17.73 -36.87
N PHE A 281 -2.88 -16.74 -37.15
CA PHE A 281 -1.59 -16.64 -36.44
C PHE A 281 -1.86 -16.27 -34.97
N ARG A 282 -1.15 -16.94 -34.04
CA ARG A 282 -1.27 -16.70 -32.60
C ARG A 282 0.11 -16.76 -31.95
N MET A 283 0.32 -15.98 -30.89
CA MET A 283 1.60 -15.97 -30.16
C MET A 283 1.89 -17.33 -29.55
N SER A 284 3.19 -17.68 -29.48
CA SER A 284 3.66 -18.88 -28.79
C SER A 284 3.61 -18.56 -27.27
N SER A 285 3.78 -19.55 -26.37
CA SER A 285 3.73 -19.29 -24.93
C SER A 285 4.83 -18.35 -24.40
N PRO A 286 4.55 -17.42 -23.43
CA PRO A 286 5.65 -16.65 -22.84
C PRO A 286 6.55 -17.55 -21.98
N GLU A 287 7.82 -17.15 -21.73
CA GLU A 287 8.85 -17.92 -21.01
C GLU A 287 8.46 -18.48 -19.61
N TYR A 288 7.57 -17.81 -18.85
CA TYR A 288 7.26 -18.27 -17.49
C TYR A 288 5.83 -18.83 -17.33
N ALA A 289 5.07 -18.98 -18.43
CA ALA A 289 3.71 -19.50 -18.36
C ALA A 289 3.62 -21.00 -18.16
N PRO A 290 2.92 -21.47 -17.11
CA PRO A 290 2.67 -22.93 -16.99
C PRO A 290 1.82 -23.37 -18.20
N ALA A 291 1.96 -24.64 -18.62
CA ALA A 291 1.23 -25.21 -19.77
C ALA A 291 -0.29 -25.02 -19.68
N GLU A 292 -0.87 -25.17 -18.48
CA GLU A 292 -2.33 -25.01 -18.25
C GLU A 292 -2.80 -23.56 -18.39
N MET A 293 -1.91 -22.58 -18.14
CA MET A 293 -2.22 -21.16 -18.34
C MET A 293 -2.15 -20.82 -19.85
N TYR A 294 -1.21 -21.44 -20.59
CA TYR A 294 -1.13 -21.24 -22.05
C TYR A 294 -2.36 -21.88 -22.73
N ASP A 295 -2.86 -23.01 -22.17
CA ASP A 295 -4.11 -23.66 -22.67
C ASP A 295 -5.31 -22.69 -22.58
N ILE A 296 -5.39 -21.88 -21.48
CA ILE A 296 -6.44 -20.86 -21.33
C ILE A 296 -6.27 -19.78 -22.42
N MET A 297 -5.03 -19.25 -22.59
CA MET A 297 -4.73 -18.22 -23.62
C MET A 297 -5.22 -18.66 -25.01
N LYS A 298 -4.89 -19.91 -25.44
CA LYS A 298 -5.29 -20.45 -26.74
C LYS A 298 -6.80 -20.42 -26.94
N THR A 299 -7.59 -20.84 -25.92
CA THR A 299 -9.06 -20.86 -25.99
C THR A 299 -9.65 -19.44 -26.04
N CYS A 300 -9.02 -18.47 -25.32
CA CYS A 300 -9.42 -17.04 -25.33
C CYS A 300 -9.29 -16.46 -26.74
N TRP A 301 -8.31 -16.98 -27.54
CA TRP A 301 -8.01 -16.52 -28.89
C TRP A 301 -8.66 -17.34 -30.00
N ASP A 302 -9.74 -18.06 -29.70
CA ASP A 302 -10.44 -18.83 -30.75
C ASP A 302 -11.13 -17.82 -31.69
N ALA A 303 -11.05 -18.05 -33.01
CA ALA A 303 -11.67 -17.18 -34.04
C ALA A 303 -13.20 -17.12 -33.85
N ASP A 304 -13.81 -18.24 -33.38
CA ASP A 304 -15.25 -18.34 -33.11
C ASP A 304 -15.52 -17.84 -31.68
N PRO A 305 -16.20 -16.68 -31.51
CA PRO A 305 -16.46 -16.16 -30.14
C PRO A 305 -17.20 -17.11 -29.21
N ASP A 306 -18.07 -17.98 -29.79
CA ASP A 306 -18.85 -18.99 -29.06
C ASP A 306 -18.00 -20.15 -28.53
N LYS A 307 -16.75 -20.31 -29.01
CA LYS A 307 -15.83 -21.36 -28.57
C LYS A 307 -14.89 -20.90 -27.43
N ARG A 308 -14.86 -19.60 -27.13
CA ARG A 308 -14.05 -19.02 -26.04
C ARG A 308 -14.72 -19.37 -24.68
N PRO A 309 -13.95 -19.52 -23.58
CA PRO A 309 -14.59 -19.77 -22.28
C PRO A 309 -15.22 -18.49 -21.72
N THR A 310 -16.10 -18.61 -20.72
CA THR A 310 -16.67 -17.42 -20.07
C THR A 310 -15.67 -17.04 -18.95
N PHE A 311 -15.78 -15.83 -18.38
CA PHE A 311 -14.92 -15.49 -17.24
C PHE A 311 -15.17 -16.40 -16.04
N LYS A 312 -16.43 -16.86 -15.85
CA LYS A 312 -16.78 -17.81 -14.80
C LYS A 312 -16.06 -19.17 -14.97
N GLN A 313 -15.98 -19.68 -16.21
CA GLN A 313 -15.26 -20.93 -16.51
C GLN A 313 -13.74 -20.75 -16.23
N ILE A 314 -13.17 -19.60 -16.61
CA ILE A 314 -11.75 -19.26 -16.35
C ILE A 314 -11.45 -19.31 -14.83
N VAL A 315 -12.30 -18.66 -13.98
CA VAL A 315 -12.17 -18.67 -12.52
C VAL A 315 -12.10 -20.13 -12.02
N GLN A 316 -13.08 -20.97 -12.43
CA GLN A 316 -13.17 -22.39 -12.01
C GLN A 316 -11.89 -23.17 -12.40
N ASP A 317 -11.33 -22.89 -13.58
CA ASP A 317 -10.11 -23.50 -14.11
C ASP A 317 -8.86 -23.11 -13.28
N ILE A 318 -8.64 -21.79 -13.05
CA ILE A 318 -7.49 -21.27 -12.26
C ILE A 318 -7.55 -21.75 -10.79
N GLU A 319 -8.76 -21.77 -10.19
CA GLU A 319 -9.01 -22.23 -8.81
C GLU A 319 -8.42 -23.62 -8.62
N LYS A 320 -8.70 -24.54 -9.56
CA LYS A 320 -8.22 -25.92 -9.59
C LYS A 320 -6.68 -25.96 -9.67
N GLN A 321 -6.07 -25.11 -10.52
CA GLN A 321 -4.62 -25.01 -10.68
C GLN A 321 -3.94 -24.57 -9.37
N ILE A 322 -4.50 -23.53 -8.70
CA ILE A 322 -3.99 -23.01 -7.42
C ILE A 322 -4.07 -24.09 -6.32
N SER A 323 -5.22 -24.79 -6.20
CA SER A 323 -5.42 -25.84 -5.20
C SER A 323 -4.45 -27.00 -5.39
N GLU A 324 -4.23 -27.43 -6.66
CA GLU A 324 -3.30 -28.50 -7.04
C GLU A 324 -1.84 -28.15 -6.75
N SER A 325 -1.48 -26.84 -6.84
CA SER A 325 -0.14 -26.33 -6.59
C SER A 325 0.29 -26.50 -5.13
N PRO B 31 -9.58 7.19 30.92
CA PRO B 31 -10.88 6.70 30.45
C PRO B 31 -10.89 6.27 28.98
N TYR B 32 -11.92 5.48 28.62
CA TYR B 32 -12.17 5.00 27.25
C TYR B 32 -13.48 5.63 26.77
N ASP B 33 -13.40 6.43 25.70
CA ASP B 33 -14.59 7.06 25.13
C ASP B 33 -15.34 6.03 24.30
N HIS B 34 -16.61 5.80 24.62
CA HIS B 34 -17.46 4.84 23.92
C HIS B 34 -17.82 5.27 22.49
N LYS B 35 -17.38 6.49 22.07
CA LYS B 35 -17.56 7.02 20.71
C LYS B 35 -16.77 6.15 19.70
N TRP B 36 -15.76 5.39 20.20
CA TRP B 36 -14.89 4.51 19.43
C TRP B 36 -15.52 3.15 19.12
N GLU B 37 -16.59 2.75 19.86
CA GLU B 37 -17.26 1.45 19.68
C GLU B 37 -17.71 1.18 18.23
N PHE B 38 -17.25 0.05 17.67
CA PHE B 38 -17.53 -0.38 16.29
C PHE B 38 -18.09 -1.82 16.28
N PRO B 39 -19.07 -2.14 15.38
CA PRO B 39 -19.63 -3.52 15.33
C PRO B 39 -18.62 -4.54 14.79
N ARG B 40 -18.35 -5.63 15.55
CA ARG B 40 -17.36 -6.62 15.10
C ARG B 40 -17.81 -7.44 13.88
N ASN B 41 -19.13 -7.54 13.63
CA ASN B 41 -19.69 -8.24 12.47
C ASN B 41 -19.42 -7.49 11.15
N ARG B 42 -18.96 -6.22 11.24
CA ARG B 42 -18.61 -5.34 10.11
C ARG B 42 -17.12 -5.44 9.72
N LEU B 43 -16.38 -6.38 10.33
CA LEU B 43 -14.95 -6.64 10.04
C LEU B 43 -14.79 -7.98 9.32
N SER B 44 -13.99 -7.99 8.24
CA SER B 44 -13.66 -9.20 7.47
C SER B 44 -12.14 -9.35 7.60
N PHE B 45 -11.70 -10.34 8.40
CA PHE B 45 -10.28 -10.56 8.63
C PHE B 45 -9.57 -11.18 7.44
N GLY B 46 -8.29 -10.85 7.32
CA GLY B 46 -7.42 -11.34 6.26
C GLY B 46 -6.20 -12.05 6.83
N LYS B 47 -5.04 -11.80 6.22
CA LYS B 47 -3.78 -12.40 6.64
C LYS B 47 -3.21 -11.80 7.93
N THR B 48 -2.56 -12.64 8.76
CA THR B 48 -1.87 -12.24 9.97
C THR B 48 -0.59 -11.50 9.52
N LEU B 49 -0.42 -10.26 9.99
CA LEU B 49 0.72 -9.40 9.68
C LEU B 49 1.92 -9.70 10.61
N GLY B 50 1.62 -10.04 11.86
CA GLY B 50 2.61 -10.33 12.87
C GLY B 50 2.01 -11.00 14.09
N ALA B 51 2.80 -11.86 14.76
CA ALA B 51 2.35 -12.59 15.94
C ALA B 51 3.45 -12.82 16.97
N GLY B 52 3.07 -12.75 18.23
CA GLY B 52 3.91 -13.03 19.37
C GLY B 52 3.33 -14.22 20.13
N ALA B 53 3.82 -14.47 21.35
CA ALA B 53 3.36 -15.58 22.19
C ALA B 53 1.87 -15.49 22.58
N PHE B 54 1.36 -14.27 22.86
CA PHE B 54 0.00 -14.03 23.35
C PHE B 54 -0.90 -13.13 22.51
N GLY B 55 -0.33 -12.47 21.51
CA GLY B 55 -1.07 -11.54 20.67
C GLY B 55 -0.70 -11.56 19.20
N LYS B 56 -1.55 -10.90 18.40
CA LYS B 56 -1.35 -10.81 16.95
C LYS B 56 -1.96 -9.54 16.32
N VAL B 57 -1.45 -9.16 15.14
CA VAL B 57 -1.96 -8.07 14.31
C VAL B 57 -2.46 -8.72 13.00
N VAL B 58 -3.71 -8.42 12.62
CA VAL B 58 -4.34 -8.99 11.43
C VAL B 58 -4.81 -7.85 10.51
N GLU B 59 -4.70 -8.06 9.18
CA GLU B 59 -5.19 -7.12 8.15
C GLU B 59 -6.70 -7.36 8.04
N ALA B 60 -7.51 -6.29 7.96
CA ALA B 60 -8.96 -6.46 7.84
C ALA B 60 -9.62 -5.38 7.00
N THR B 61 -10.82 -5.68 6.51
CA THR B 61 -11.68 -4.76 5.77
C THR B 61 -12.83 -4.36 6.71
N ALA B 62 -12.98 -3.05 6.96
CA ALA B 62 -14.01 -2.49 7.81
C ALA B 62 -15.09 -1.83 6.97
N GLN B 63 -16.35 -2.19 7.23
CA GLN B 63 -17.51 -1.65 6.55
C GLN B 63 -18.19 -0.59 7.41
N GLY B 64 -18.64 0.49 6.77
CA GLY B 64 -19.36 1.57 7.45
C GLY B 64 -18.49 2.49 8.29
N LEU B 65 -17.17 2.38 8.15
CA LEU B 65 -16.22 3.24 8.86
C LEU B 65 -16.13 4.59 8.11
N ILE B 66 -16.44 4.59 6.81
CA ILE B 66 -16.51 5.76 5.92
C ILE B 66 -18.00 6.16 5.83
N LYS B 67 -18.30 7.47 5.79
CA LYS B 67 -19.66 8.02 5.71
C LYS B 67 -20.50 7.48 4.51
N SER B 68 -19.83 7.22 3.38
CA SER B 68 -20.43 6.66 2.17
C SER B 68 -20.24 5.15 2.39
N ASP B 69 -21.04 4.29 1.79
CA ASP B 69 -20.97 2.85 2.06
C ASP B 69 -19.67 2.11 1.60
N ALA B 70 -18.57 2.85 1.47
CA ALA B 70 -17.28 2.34 1.03
C ALA B 70 -16.51 1.60 2.12
N ALA B 71 -15.82 0.54 1.69
CA ALA B 71 -14.99 -0.29 2.55
C ALA B 71 -13.58 0.30 2.71
N MET B 72 -12.90 -0.03 3.82
CA MET B 72 -11.55 0.45 4.07
C MET B 72 -10.71 -0.60 4.79
N THR B 73 -9.43 -0.68 4.40
CA THR B 73 -8.42 -1.59 4.96
C THR B 73 -7.90 -0.99 6.26
N VAL B 74 -7.86 -1.83 7.32
CA VAL B 74 -7.43 -1.48 8.68
C VAL B 74 -6.50 -2.57 9.26
N ALA B 75 -5.83 -2.28 10.40
CA ALA B 75 -5.01 -3.22 11.15
C ALA B 75 -5.76 -3.49 12.46
N VAL B 76 -5.88 -4.77 12.84
CA VAL B 76 -6.61 -5.16 14.06
C VAL B 76 -5.67 -5.90 15.01
N LYS B 77 -5.53 -5.40 16.25
CA LYS B 77 -4.73 -6.05 17.28
C LYS B 77 -5.68 -6.81 18.21
N MET B 78 -5.35 -8.08 18.49
CA MET B 78 -6.14 -8.97 19.33
C MET B 78 -5.24 -10.01 20.03
N LEU B 79 -5.78 -10.64 21.07
CA LEU B 79 -5.05 -11.68 21.82
C LEU B 79 -5.36 -13.08 21.31
N LYS B 80 -4.42 -14.01 21.54
CA LYS B 80 -4.54 -15.43 21.19
C LYS B 80 -5.18 -16.19 22.37
N PRO B 81 -5.75 -17.41 22.18
CA PRO B 81 -6.30 -18.17 23.33
C PRO B 81 -5.28 -18.52 24.43
N SER B 82 -3.98 -18.31 24.16
CA SER B 82 -2.85 -18.54 25.08
C SER B 82 -2.72 -17.44 26.16
N ALA B 83 -3.31 -16.25 25.91
CA ALA B 83 -3.25 -15.08 26.80
C ALA B 83 -3.97 -15.26 28.13
N HIS B 84 -3.46 -14.62 29.21
CA HIS B 84 -4.05 -14.65 30.55
C HIS B 84 -4.62 -13.27 30.95
N SER B 85 -5.08 -13.11 32.20
CA SER B 85 -5.66 -11.85 32.70
C SER B 85 -4.71 -10.65 32.59
N THR B 86 -3.39 -10.87 32.77
CA THR B 86 -2.34 -9.85 32.65
C THR B 86 -2.32 -9.22 31.24
N GLU B 87 -2.39 -10.07 30.18
CA GLU B 87 -2.40 -9.65 28.78
C GLU B 87 -3.68 -8.91 28.44
N ARG B 88 -4.82 -9.42 28.94
CA ARG B 88 -6.16 -8.84 28.77
C ARG B 88 -6.19 -7.41 29.30
N GLU B 89 -5.58 -7.18 30.50
CA GLU B 89 -5.48 -5.85 31.11
C GLU B 89 -4.57 -4.94 30.28
N ALA B 90 -3.45 -5.47 29.75
CA ALA B 90 -2.50 -4.73 28.91
C ALA B 90 -3.11 -4.22 27.61
N LEU B 91 -3.94 -5.06 26.93
CA LEU B 91 -4.61 -4.65 25.68
C LEU B 91 -5.64 -3.52 25.94
N MET B 92 -6.39 -3.61 27.05
CA MET B 92 -7.37 -2.60 27.45
C MET B 92 -6.65 -1.28 27.83
N SER B 93 -5.48 -1.39 28.49
CA SER B 93 -4.63 -0.27 28.90
C SER B 93 -4.10 0.48 27.68
N GLU B 94 -3.75 -0.27 26.63
CA GLU B 94 -3.25 0.29 25.36
C GLU B 94 -4.37 1.09 24.68
N LEU B 95 -5.61 0.58 24.74
CA LEU B 95 -6.79 1.22 24.16
C LEU B 95 -7.12 2.54 24.89
N LYS B 96 -6.97 2.56 26.23
CA LYS B 96 -7.19 3.77 27.04
C LYS B 96 -6.16 4.87 26.70
N VAL B 97 -4.87 4.49 26.51
CA VAL B 97 -3.77 5.41 26.13
C VAL B 97 -4.03 6.01 24.72
N LEU B 98 -4.42 5.16 23.74
CA LEU B 98 -4.72 5.60 22.38
C LEU B 98 -5.91 6.57 22.35
N SER B 99 -6.96 6.30 23.14
CA SER B 99 -8.14 7.15 23.25
C SER B 99 -7.73 8.51 23.88
N TYR B 100 -6.87 8.48 24.90
CA TYR B 100 -6.36 9.66 25.61
C TYR B 100 -5.47 10.55 24.73
N LEU B 101 -4.61 9.94 23.91
CA LEU B 101 -3.69 10.68 23.06
C LEU B 101 -4.38 11.46 21.95
N GLY B 102 -5.39 10.85 21.33
CA GLY B 102 -6.07 11.46 20.21
C GLY B 102 -5.22 11.34 18.95
N ASN B 103 -5.69 11.94 17.84
CA ASN B 103 -5.04 11.86 16.53
C ASN B 103 -3.85 12.82 16.35
N HIS B 104 -2.74 12.28 15.82
CA HIS B 104 -1.51 13.00 15.48
C HIS B 104 -0.93 12.42 14.20
N GLU B 105 -0.39 13.28 13.32
CA GLU B 105 0.13 12.86 12.03
C GLU B 105 1.35 11.91 12.10
N ASN B 106 2.16 11.90 13.18
CA ASN B 106 3.34 11.00 13.24
C ASN B 106 3.24 9.84 14.26
N ILE B 107 1.99 9.45 14.60
CA ILE B 107 1.65 8.36 15.53
C ILE B 107 0.62 7.48 14.80
N VAL B 108 0.57 6.15 15.05
CA VAL B 108 -0.48 5.32 14.45
C VAL B 108 -1.80 5.70 15.15
N ASN B 109 -2.83 6.06 14.38
CA ASN B 109 -4.08 6.54 14.97
C ASN B 109 -5.12 5.46 15.20
N LEU B 110 -5.91 5.64 16.26
CA LEU B 110 -7.01 4.77 16.63
C LEU B 110 -8.20 5.08 15.72
N LEU B 111 -8.86 4.04 15.20
CA LEU B 111 -10.03 4.19 14.33
C LEU B 111 -11.30 3.68 15.02
N GLY B 112 -11.15 2.70 15.90
CA GLY B 112 -12.27 2.11 16.62
C GLY B 112 -11.86 0.95 17.51
N ALA B 113 -12.84 0.33 18.16
CA ALA B 113 -12.62 -0.83 19.04
C ALA B 113 -13.90 -1.61 19.26
N CYS B 114 -13.76 -2.90 19.56
CA CYS B 114 -14.86 -3.82 19.87
C CYS B 114 -14.58 -4.32 21.30
N THR B 115 -15.41 -3.91 22.28
CA THR B 115 -15.19 -4.29 23.68
C THR B 115 -16.28 -5.27 24.20
N HIS B 116 -17.43 -5.35 23.52
CA HIS B 116 -18.48 -6.28 23.94
C HIS B 116 -18.75 -7.33 22.88
N GLY B 117 -19.46 -8.38 23.27
CA GLY B 117 -19.81 -9.50 22.38
C GLY B 117 -18.67 -10.41 22.00
N GLY B 118 -17.58 -10.35 22.78
CA GLY B 118 -16.39 -11.18 22.56
C GLY B 118 -15.09 -10.53 22.99
N PRO B 119 -13.92 -11.10 22.56
CA PRO B 119 -12.62 -10.52 22.94
C PRO B 119 -12.37 -9.11 22.42
N THR B 120 -11.55 -8.33 23.15
CA THR B 120 -11.19 -6.95 22.80
C THR B 120 -10.46 -6.90 21.46
N LEU B 121 -10.91 -6.01 20.58
CA LEU B 121 -10.30 -5.78 19.27
C LEU B 121 -9.92 -4.30 19.20
N VAL B 122 -8.66 -4.00 18.85
CA VAL B 122 -8.22 -2.59 18.72
C VAL B 122 -7.96 -2.33 17.23
N ILE B 123 -8.70 -1.37 16.65
CA ILE B 123 -8.63 -1.02 15.23
C ILE B 123 -7.81 0.25 15.02
N THR B 124 -6.68 0.13 14.29
CA THR B 124 -5.78 1.24 13.99
C THR B 124 -5.57 1.34 12.48
N GLU B 125 -4.98 2.46 12.02
CA GLU B 125 -4.74 2.69 10.59
C GLU B 125 -3.73 1.70 9.99
N TYR B 126 -3.99 1.29 8.75
CA TYR B 126 -3.12 0.38 8.00
C TYR B 126 -2.06 1.22 7.27
N CYS B 127 -0.78 0.82 7.38
CA CYS B 127 0.37 1.50 6.76
C CYS B 127 0.96 0.58 5.66
N CYS B 128 0.65 0.90 4.39
CA CYS B 128 0.95 0.10 3.20
C CYS B 128 2.42 -0.33 3.04
N TYR B 129 3.42 0.44 3.51
CA TYR B 129 4.82 0.03 3.31
C TYR B 129 5.44 -0.77 4.48
N GLY B 130 4.67 -1.05 5.53
CA GLY B 130 5.14 -1.83 6.69
C GLY B 130 6.14 -1.12 7.57
N ASP B 131 6.96 -1.89 8.30
CA ASP B 131 7.95 -1.35 9.24
C ASP B 131 9.16 -0.71 8.51
N LEU B 132 9.66 0.38 9.09
CA LEU B 132 10.77 1.16 8.54
C LEU B 132 12.08 0.36 8.45
N LEU B 133 12.35 -0.53 9.42
CA LEU B 133 13.59 -1.33 9.40
C LEU B 133 13.70 -2.16 8.11
N ASN B 134 12.63 -2.93 7.76
CA ASN B 134 12.62 -3.76 6.56
C ASN B 134 12.63 -2.94 5.27
N PHE B 135 12.01 -1.74 5.28
CA PHE B 135 11.99 -0.84 4.12
C PHE B 135 13.43 -0.37 3.79
N LEU B 136 14.20 0.04 4.82
CA LEU B 136 15.59 0.50 4.66
C LEU B 136 16.51 -0.60 4.11
N ARG B 137 16.38 -1.85 4.63
CA ARG B 137 17.18 -3.01 4.21
C ARG B 137 16.91 -3.39 2.74
N ARG B 138 15.64 -3.25 2.30
CA ARG B 138 15.18 -3.53 0.94
C ARG B 138 15.63 -2.44 -0.05
N LYS B 139 15.75 -1.18 0.42
CA LYS B 139 16.14 -0.03 -0.38
C LYS B 139 17.64 0.28 -0.34
N ARG B 140 18.41 -0.44 0.50
CA ARG B 140 19.83 -0.26 0.74
C ARG B 140 20.72 -0.18 -0.53
N ASP B 141 20.58 -1.17 -1.42
CA ASP B 141 21.39 -1.24 -2.64
C ASP B 141 21.03 -0.18 -3.69
N GLU B 142 19.83 0.40 -3.59
CA GLU B 142 19.31 1.45 -4.46
C GLU B 142 19.18 2.79 -3.66
N PHE B 143 20.29 3.21 -3.02
CA PHE B 143 20.38 4.45 -2.26
C PHE B 143 21.42 5.35 -2.89
N VAL B 144 21.11 6.65 -2.98
CA VAL B 144 21.99 7.67 -3.52
C VAL B 144 21.99 8.88 -2.57
N PRO B 145 23.16 9.41 -2.13
CA PRO B 145 23.15 10.57 -1.24
C PRO B 145 22.52 11.85 -1.83
N TYR B 146 22.83 12.18 -3.10
CA TYR B 146 22.28 13.39 -3.74
C TYR B 146 21.74 13.16 -5.16
N LYS B 147 20.47 13.57 -5.37
CA LYS B 147 19.72 13.48 -6.62
C LYS B 147 20.40 14.26 -7.74
N PHE B 157 13.69 5.54 -5.47
CA PHE B 157 15.08 5.87 -5.15
C PHE B 157 15.18 6.63 -3.82
N LEU B 158 15.83 6.01 -2.81
CA LEU B 158 16.01 6.62 -1.49
C LEU B 158 17.21 7.59 -1.47
N THR B 159 17.01 8.80 -0.91
CA THR B 159 18.05 9.86 -0.82
C THR B 159 18.25 10.34 0.62
N LEU B 160 19.24 11.26 0.84
CA LEU B 160 19.52 11.87 2.15
C LEU B 160 18.34 12.74 2.59
N GLU B 161 17.65 13.39 1.62
CA GLU B 161 16.47 14.22 1.85
C GLU B 161 15.39 13.40 2.55
N HIS B 162 15.19 12.13 2.14
CA HIS B 162 14.21 11.21 2.75
C HIS B 162 14.61 10.85 4.17
N LEU B 163 15.93 10.59 4.40
CA LEU B 163 16.44 10.20 5.73
C LEU B 163 16.32 11.35 6.73
N LEU B 164 16.63 12.60 6.31
CA LEU B 164 16.45 13.80 7.16
C LEU B 164 14.98 13.97 7.54
N SER B 165 14.08 13.78 6.55
CA SER B 165 12.62 13.88 6.72
C SER B 165 12.09 12.86 7.76
N PHE B 166 12.55 11.60 7.68
CA PHE B 166 12.16 10.54 8.61
C PHE B 166 12.65 10.87 10.04
N SER B 167 13.89 11.38 10.19
CA SER B 167 14.44 11.75 11.49
C SER B 167 13.63 12.91 12.16
N TYR B 168 13.19 13.88 11.35
CA TYR B 168 12.36 15.02 11.77
C TYR B 168 10.96 14.57 12.22
N GLN B 169 10.29 13.72 11.44
CA GLN B 169 8.95 13.22 11.73
C GLN B 169 8.92 12.39 13.00
N VAL B 170 9.96 11.56 13.24
CA VAL B 170 10.04 10.72 14.45
C VAL B 170 10.27 11.58 15.70
N ALA B 171 11.15 12.61 15.60
CA ALA B 171 11.38 13.55 16.73
C ALA B 171 10.11 14.33 17.09
N LYS B 172 9.30 14.74 16.07
CA LYS B 172 8.02 15.47 16.25
C LYS B 172 6.98 14.61 16.99
N GLY B 173 6.85 13.34 16.58
CA GLY B 173 5.96 12.39 17.24
C GLY B 173 6.36 12.10 18.68
N MET B 174 7.69 11.97 18.93
CA MET B 174 8.24 11.75 20.28
C MET B 174 8.05 12.99 21.17
N ALA B 175 8.20 14.20 20.60
CA ALA B 175 7.96 15.47 21.31
C ALA B 175 6.49 15.54 21.72
N PHE B 176 5.58 15.05 20.85
CA PHE B 176 4.13 14.99 21.11
C PHE B 176 3.84 14.04 22.29
N LEU B 177 4.43 12.81 22.27
CA LEU B 177 4.26 11.83 23.34
C LEU B 177 4.73 12.38 24.69
N ALA B 178 5.97 12.94 24.75
CA ALA B 178 6.56 13.53 25.97
C ALA B 178 5.68 14.65 26.56
N SER B 179 5.01 15.45 25.69
CA SER B 179 4.11 16.55 26.10
C SER B 179 2.82 16.01 26.75
N LYS B 180 2.49 14.74 26.44
CA LYS B 180 1.31 14.02 26.95
C LYS B 180 1.73 13.10 28.12
N ASN B 181 2.97 13.29 28.65
CA ASN B 181 3.58 12.53 29.75
C ASN B 181 3.66 11.01 29.46
N CYS B 182 3.98 10.67 28.20
CA CYS B 182 4.12 9.29 27.74
C CYS B 182 5.58 8.94 27.50
N ILE B 183 5.98 7.74 27.99
CA ILE B 183 7.30 7.17 27.77
C ILE B 183 7.08 5.92 26.89
N HIS B 184 7.76 5.85 25.72
CA HIS B 184 7.62 4.74 24.78
C HIS B 184 8.20 3.41 25.32
N ARG B 185 9.49 3.42 25.74
CA ARG B 185 10.27 2.28 26.28
C ARG B 185 10.84 1.29 25.21
N ASP B 186 10.40 1.37 23.95
CA ASP B 186 10.92 0.47 22.90
C ASP B 186 11.02 1.17 21.53
N LEU B 187 11.53 2.42 21.53
CA LEU B 187 11.75 3.18 20.30
C LEU B 187 12.90 2.55 19.52
N ALA B 188 12.63 2.22 18.23
CA ALA B 188 13.57 1.56 17.29
C ALA B 188 12.93 1.59 15.91
N ALA B 189 13.72 1.38 14.83
CA ALA B 189 13.20 1.36 13.45
C ALA B 189 12.13 0.29 13.23
N ARG B 190 12.19 -0.87 13.94
CA ARG B 190 11.20 -1.95 13.86
C ARG B 190 9.81 -1.50 14.44
N ASN B 191 9.79 -0.40 15.22
CA ASN B 191 8.57 0.16 15.83
C ASN B 191 8.14 1.49 15.19
N ILE B 192 8.49 1.67 13.90
CA ILE B 192 8.11 2.82 13.08
C ILE B 192 7.49 2.23 11.82
N LEU B 193 6.31 2.72 11.42
CA LEU B 193 5.64 2.28 10.20
C LEU B 193 5.72 3.38 9.14
N LEU B 194 5.66 2.99 7.85
CA LEU B 194 5.72 3.92 6.73
C LEU B 194 4.43 3.81 5.89
N THR B 195 3.76 4.96 5.66
CA THR B 195 2.53 5.02 4.85
C THR B 195 2.78 5.86 3.57
N HIS B 196 1.70 6.31 2.87
CA HIS B 196 1.77 7.13 1.63
C HIS B 196 2.53 8.44 1.84
N GLY B 197 3.21 8.90 0.78
CA GLY B 197 3.94 10.17 0.75
C GLY B 197 5.08 10.30 1.73
N ASN B 198 5.84 9.19 1.93
CA ASN B 198 7.01 9.11 2.84
C ASN B 198 6.69 9.59 4.27
N ILE B 199 5.48 9.29 4.76
CA ILE B 199 5.05 9.66 6.10
C ILE B 199 5.32 8.48 7.06
N THR B 200 6.05 8.75 8.17
CA THR B 200 6.38 7.76 9.20
C THR B 200 5.42 7.89 10.39
N LYS B 201 5.09 6.76 11.02
CA LYS B 201 4.19 6.73 12.18
C LYS B 201 4.76 5.85 13.29
N ILE B 202 4.91 6.43 14.47
CA ILE B 202 5.42 5.72 15.64
C ILE B 202 4.36 4.70 16.08
N CYS B 203 4.79 3.47 16.35
CA CYS B 203 3.90 2.41 16.79
C CYS B 203 4.57 1.58 17.92
N ASP B 204 3.87 0.58 18.42
CA ASP B 204 4.39 -0.37 19.39
C ASP B 204 3.71 -1.71 19.13
N PHE B 205 4.45 -2.67 18.50
CA PHE B 205 3.91 -4.00 18.21
C PHE B 205 3.55 -4.74 19.52
N GLY B 206 4.34 -4.51 20.58
CA GLY B 206 4.14 -5.10 21.91
C GLY B 206 3.97 -6.60 21.91
N LEU B 207 2.79 -7.07 22.35
CA LEU B 207 2.44 -8.49 22.44
C LEU B 207 2.36 -9.20 21.08
N ALA B 208 2.23 -8.44 19.97
CA ALA B 208 2.19 -8.99 18.61
C ALA B 208 3.59 -9.21 18.00
N ARG B 209 4.68 -9.07 18.80
CA ARG B 209 6.04 -9.35 18.36
C ARG B 209 6.55 -10.57 19.10
N ASP B 210 7.19 -11.50 18.36
CA ASP B 210 7.79 -12.71 18.93
C ASP B 210 9.22 -12.38 19.42
N ILE B 211 9.30 -11.71 20.59
CA ILE B 211 10.55 -11.27 21.21
C ILE B 211 11.47 -12.44 21.58
N LYS B 212 10.88 -13.64 21.81
CA LYS B 212 11.62 -14.85 22.15
C LYS B 212 12.55 -15.31 21.03
N ASN B 213 12.16 -15.10 19.76
CA ASN B 213 12.95 -15.55 18.62
C ASN B 213 13.62 -14.40 17.81
N ASP B 214 13.58 -13.16 18.33
CA ASP B 214 14.18 -11.97 17.71
C ASP B 214 15.54 -11.71 18.40
N SER B 215 16.65 -11.77 17.63
CA SER B 215 18.02 -11.59 18.14
C SER B 215 18.32 -10.15 18.67
N ASN B 216 17.42 -9.18 18.40
CA ASN B 216 17.55 -7.80 18.88
C ASN B 216 17.10 -7.63 20.35
N TYR B 217 16.50 -8.70 20.92
CA TYR B 217 16.07 -8.80 22.32
C TYR B 217 17.00 -9.82 22.97
N VAL B 218 17.47 -9.52 24.19
CA VAL B 218 18.46 -10.33 24.93
C VAL B 218 17.90 -10.73 26.29
N ASP B 219 18.24 -11.96 26.74
CA ASP B 219 17.87 -12.47 28.06
C ASP B 219 18.71 -11.71 29.10
N LYS B 220 18.02 -11.04 30.03
CA LYS B 220 18.63 -10.26 31.11
C LYS B 220 17.73 -10.44 32.32
N GLY B 221 18.15 -11.32 33.22
CA GLY B 221 17.37 -11.71 34.39
C GLY B 221 16.21 -12.59 33.94
N ASN B 222 15.00 -12.27 34.40
CA ASN B 222 13.77 -12.99 34.04
C ASN B 222 13.04 -12.30 32.87
N ALA B 223 13.75 -11.39 32.14
CA ALA B 223 13.17 -10.65 31.03
C ALA B 223 13.96 -10.80 29.72
N ARG B 224 13.30 -10.43 28.61
CA ARG B 224 13.80 -10.43 27.24
C ARG B 224 13.75 -8.94 26.81
N LEU B 225 14.91 -8.26 26.82
CA LEU B 225 14.98 -6.81 26.60
C LEU B 225 15.83 -6.33 25.40
N PRO B 226 15.48 -5.16 24.79
CA PRO B 226 16.28 -4.65 23.64
C PRO B 226 17.51 -3.84 24.11
N VAL B 227 18.48 -4.52 24.75
CA VAL B 227 19.67 -3.96 25.41
C VAL B 227 20.46 -2.95 24.54
N LYS B 228 20.69 -3.23 23.24
CA LYS B 228 21.46 -2.32 22.36
C LYS B 228 20.80 -0.95 22.14
N TRP B 229 19.48 -0.80 22.47
CA TRP B 229 18.74 0.47 22.34
C TRP B 229 18.54 1.19 23.69
N MET B 230 18.92 0.53 24.81
CA MET B 230 18.67 1.01 26.16
C MET B 230 19.76 1.89 26.77
N ALA B 231 19.34 2.93 27.51
CA ALA B 231 20.24 3.84 28.22
C ALA B 231 20.90 3.07 29.39
N PRO B 232 22.13 3.44 29.84
CA PRO B 232 22.75 2.73 30.99
C PRO B 232 21.90 2.69 32.28
N GLU B 233 21.17 3.78 32.60
CA GLU B 233 20.30 3.79 33.81
C GLU B 233 19.12 2.81 33.69
N SER B 234 18.67 2.51 32.46
CA SER B 234 17.59 1.53 32.24
C SER B 234 18.12 0.11 32.39
N ILE B 235 19.35 -0.15 31.91
CA ILE B 235 20.00 -1.46 31.98
C ILE B 235 20.32 -1.83 33.43
N PHE B 236 21.08 -0.98 34.13
CA PHE B 236 21.56 -1.26 35.47
C PHE B 236 20.59 -0.91 36.61
N ASN B 237 19.60 -0.02 36.39
CA ASN B 237 18.68 0.37 37.46
C ASN B 237 17.19 0.22 37.14
N SER B 238 16.82 -0.25 35.92
CA SER B 238 15.43 -0.42 35.45
C SER B 238 14.62 0.90 35.47
N VAL B 239 15.32 2.03 35.34
CA VAL B 239 14.77 3.38 35.32
C VAL B 239 14.44 3.77 33.86
N TYR B 240 13.16 4.09 33.57
CA TYR B 240 12.70 4.55 32.26
C TYR B 240 12.11 5.95 32.41
N THR B 241 12.66 6.93 31.69
CA THR B 241 12.25 8.33 31.78
C THR B 241 12.14 8.98 30.38
N PHE B 242 11.87 10.31 30.35
CA PHE B 242 11.87 11.08 29.10
C PHE B 242 13.27 11.03 28.47
N GLU B 243 14.32 11.03 29.32
CA GLU B 243 15.75 11.03 28.97
C GLU B 243 16.23 9.69 28.41
N SER B 244 15.69 8.56 28.91
CA SER B 244 16.05 7.24 28.41
C SER B 244 15.46 7.01 27.00
N ASP B 245 14.27 7.61 26.69
CA ASP B 245 13.68 7.57 25.34
C ASP B 245 14.57 8.35 24.34
N VAL B 246 15.22 9.44 24.80
CA VAL B 246 16.14 10.25 24.00
C VAL B 246 17.38 9.40 23.61
N TRP B 247 17.93 8.58 24.55
CA TRP B 247 19.07 7.68 24.24
C TRP B 247 18.66 6.72 23.10
N SER B 248 17.46 6.09 23.19
CA SER B 248 16.94 5.17 22.16
C SER B 248 16.80 5.87 20.80
N TYR B 249 16.39 7.15 20.79
CA TYR B 249 16.27 7.93 19.55
C TYR B 249 17.64 8.07 18.87
N GLY B 250 18.71 8.26 19.67
CA GLY B 250 20.08 8.35 19.19
C GLY B 250 20.48 7.06 18.49
N ILE B 251 20.08 5.89 19.05
CA ILE B 251 20.34 4.58 18.43
C ILE B 251 19.54 4.43 17.12
N PHE B 252 18.25 4.84 17.13
CA PHE B 252 17.39 4.85 15.94
C PHE B 252 18.05 5.69 14.81
N LEU B 253 18.66 6.84 15.14
CA LEU B 253 19.35 7.68 14.13
C LEU B 253 20.51 6.91 13.47
N TRP B 254 21.25 6.13 14.26
CA TRP B 254 22.37 5.32 13.75
C TRP B 254 21.84 4.26 12.78
N GLU B 255 20.72 3.55 13.12
CA GLU B 255 20.05 2.53 12.27
C GLU B 255 19.64 3.17 10.96
N LEU B 256 19.04 4.36 11.04
CA LEU B 256 18.55 5.12 9.90
C LEU B 256 19.66 5.45 8.89
N PHE B 257 20.73 6.14 9.33
CA PHE B 257 21.81 6.56 8.45
C PHE B 257 22.76 5.41 8.04
N SER B 258 22.67 4.24 8.70
CA SER B 258 23.41 3.02 8.33
C SER B 258 22.54 2.15 7.40
N LEU B 259 21.36 2.66 7.01
CA LEU B 259 20.38 2.02 6.12
C LEU B 259 19.91 0.63 6.61
N GLY B 260 19.58 0.55 7.90
CA GLY B 260 19.03 -0.66 8.50
C GLY B 260 19.98 -1.63 9.12
N SER B 261 21.26 -1.26 9.30
CA SER B 261 22.21 -2.15 9.96
C SER B 261 21.88 -2.27 11.44
N SER B 262 22.26 -3.41 12.05
CA SER B 262 22.10 -3.66 13.49
C SER B 262 23.13 -2.82 14.28
N PRO B 263 22.77 -2.21 15.44
CA PRO B 263 23.77 -1.42 16.20
C PRO B 263 24.87 -2.26 16.85
N TYR B 264 26.01 -1.60 17.18
CA TYR B 264 27.24 -2.21 17.75
C TYR B 264 27.65 -3.44 16.91
N PRO B 265 27.84 -3.27 15.56
CA PRO B 265 28.14 -4.42 14.71
C PRO B 265 29.35 -5.24 15.16
N GLY B 266 29.17 -6.55 15.15
CA GLY B 266 30.18 -7.54 15.53
C GLY B 266 30.40 -7.73 17.02
N MET B 267 29.62 -7.02 17.85
CA MET B 267 29.73 -7.07 19.32
C MET B 267 28.53 -7.78 19.95
N PRO B 268 28.69 -9.00 20.50
CA PRO B 268 27.54 -9.63 21.19
C PRO B 268 27.25 -8.96 22.54
N VAL B 269 26.01 -9.09 23.03
CA VAL B 269 25.63 -8.54 24.35
C VAL B 269 26.14 -9.54 25.42
N ASP B 270 27.29 -9.21 26.03
CA ASP B 270 27.94 -10.01 27.09
C ASP B 270 28.55 -9.07 28.14
N SER B 271 29.31 -9.62 29.12
CA SER B 271 29.94 -8.83 30.19
C SER B 271 30.83 -7.69 29.65
N LYS B 272 31.57 -7.97 28.57
CA LYS B 272 32.43 -6.99 27.89
C LYS B 272 31.62 -5.80 27.34
N PHE B 273 30.39 -6.07 26.80
CA PHE B 273 29.50 -5.01 26.27
C PHE B 273 29.08 -4.03 27.38
N TYR B 274 28.56 -4.56 28.52
CA TYR B 274 28.10 -3.74 29.64
C TYR B 274 29.24 -2.91 30.22
N LYS B 275 30.46 -3.50 30.30
CA LYS B 275 31.68 -2.83 30.77
C LYS B 275 32.04 -1.66 29.84
N MET B 276 32.16 -1.91 28.52
CA MET B 276 32.50 -0.89 27.51
C MET B 276 31.54 0.30 27.51
N ILE B 277 30.21 0.07 27.61
CA ILE B 277 29.19 1.14 27.65
C ILE B 277 29.36 2.03 28.90
N LYS B 278 29.56 1.41 30.08
CA LYS B 278 29.78 2.10 31.37
C LYS B 278 31.06 2.93 31.32
N GLU B 279 32.11 2.42 30.64
CA GLU B 279 33.41 3.09 30.48
C GLU B 279 33.42 4.21 29.41
N GLY B 280 32.29 4.38 28.70
CA GLY B 280 32.14 5.45 27.71
C GLY B 280 32.32 5.11 26.25
N PHE B 281 32.33 3.80 25.87
CA PHE B 281 32.44 3.41 24.46
C PHE B 281 31.15 3.83 23.74
N ARG B 282 31.29 4.39 22.53
CA ARG B 282 30.16 4.84 21.70
C ARG B 282 30.45 4.51 20.24
N MET B 283 29.40 4.20 19.46
CA MET B 283 29.56 3.90 18.04
C MET B 283 30.11 5.10 17.26
N SER B 284 30.93 4.81 16.24
CA SER B 284 31.45 5.85 15.36
C SER B 284 30.32 6.20 14.37
N SER B 285 30.53 7.28 13.59
CA SER B 285 29.55 7.76 12.63
C SER B 285 29.30 6.81 11.48
N PRO B 286 28.01 6.55 11.13
CA PRO B 286 27.73 5.80 9.90
C PRO B 286 28.27 6.59 8.70
N GLU B 287 28.56 5.90 7.59
CA GLU B 287 29.07 6.47 6.34
C GLU B 287 28.24 7.63 5.79
N TYR B 288 26.90 7.49 5.80
CA TYR B 288 26.00 8.46 5.20
C TYR B 288 25.39 9.50 6.18
N ALA B 289 25.83 9.53 7.46
CA ALA B 289 25.25 10.51 8.38
C ALA B 289 25.88 11.90 8.20
N PRO B 290 25.06 12.97 8.00
CA PRO B 290 25.66 14.32 7.99
C PRO B 290 26.27 14.59 9.36
N ALA B 291 27.34 15.41 9.42
CA ALA B 291 28.08 15.73 10.65
C ALA B 291 27.18 16.23 11.79
N GLU B 292 26.19 17.09 11.46
CA GLU B 292 25.25 17.67 12.43
C GLU B 292 24.26 16.65 12.99
N MET B 293 23.97 15.56 12.23
CA MET B 293 23.11 14.47 12.71
C MET B 293 23.91 13.56 13.66
N TYR B 294 25.21 13.35 13.37
CA TYR B 294 26.07 12.57 14.27
C TYR B 294 26.29 13.34 15.59
N ASP B 295 26.36 14.69 15.52
CA ASP B 295 26.45 15.55 16.72
C ASP B 295 25.24 15.33 17.64
N ILE B 296 24.01 15.17 17.06
CA ILE B 296 22.80 14.88 17.84
C ILE B 296 22.94 13.51 18.52
N MET B 297 23.35 12.47 17.76
CA MET B 297 23.55 11.11 18.30
C MET B 297 24.46 11.14 19.54
N LYS B 298 25.63 11.81 19.45
CA LYS B 298 26.59 11.92 20.55
C LYS B 298 25.96 12.52 21.83
N THR B 299 25.16 13.58 21.70
CA THR B 299 24.48 14.24 22.84
C THR B 299 23.38 13.33 23.45
N CYS B 300 22.67 12.56 22.61
CA CYS B 300 21.63 11.58 23.03
C CYS B 300 22.27 10.50 23.92
N TRP B 301 23.57 10.18 23.67
CA TRP B 301 24.33 9.15 24.37
C TRP B 301 25.21 9.66 25.52
N ASP B 302 24.89 10.86 26.06
CA ASP B 302 25.65 11.37 27.20
C ASP B 302 25.33 10.50 28.42
N ALA B 303 26.35 10.11 29.21
CA ALA B 303 26.20 9.31 30.43
C ALA B 303 25.28 10.02 31.46
N ASP B 304 25.34 11.37 31.51
CA ASP B 304 24.50 12.19 32.39
C ASP B 304 23.15 12.46 31.69
N PRO B 305 22.03 11.89 32.20
CA PRO B 305 20.71 12.11 31.55
C PRO B 305 20.30 13.57 31.39
N ASP B 306 20.74 14.43 32.33
CA ASP B 306 20.47 15.87 32.34
C ASP B 306 21.21 16.65 31.24
N LYS B 307 22.25 16.03 30.62
CA LYS B 307 23.03 16.65 29.54
C LYS B 307 22.50 16.30 28.13
N ARG B 308 21.55 15.35 28.03
CA ARG B 308 20.91 14.94 26.78
C ARG B 308 19.91 16.03 26.34
N PRO B 309 19.67 16.23 25.02
CA PRO B 309 18.66 17.24 24.62
C PRO B 309 17.23 16.71 24.83
N THR B 310 16.23 17.59 24.81
CA THR B 310 14.83 17.15 24.91
C THR B 310 14.38 16.87 23.48
N PHE B 311 13.24 16.17 23.28
CA PHE B 311 12.74 15.97 21.91
C PHE B 311 12.39 17.30 21.23
N LYS B 312 11.92 18.30 22.02
CA LYS B 312 11.63 19.65 21.53
C LYS B 312 12.89 20.36 20.99
N GLN B 313 14.04 20.23 21.69
CA GLN B 313 15.32 20.78 21.24
C GLN B 313 15.79 20.08 19.94
N ILE B 314 15.62 18.75 19.85
CA ILE B 314 15.97 17.94 18.65
C ILE B 314 15.18 18.44 17.44
N VAL B 315 13.85 18.65 17.60
CA VAL B 315 12.96 19.17 16.54
C VAL B 315 13.49 20.50 16.01
N GLN B 316 13.80 21.46 16.92
CA GLN B 316 14.32 22.79 16.58
C GLN B 316 15.66 22.71 15.81
N ASP B 317 16.53 21.77 16.21
CA ASP B 317 17.84 21.50 15.60
C ASP B 317 17.70 20.95 14.16
N ILE B 318 16.90 19.87 13.95
CA ILE B 318 16.69 19.26 12.63
C ILE B 318 16.00 20.24 11.66
N GLU B 319 15.02 21.03 12.15
CA GLU B 319 14.28 22.04 11.38
C GLU B 319 15.26 23.00 10.70
N LYS B 320 16.26 23.50 11.47
CA LYS B 320 17.32 24.40 11.02
C LYS B 320 18.17 23.72 9.92
N GLN B 321 18.53 22.43 10.12
CA GLN B 321 19.30 21.65 9.13
C GLN B 321 18.55 21.51 7.80
N ILE B 322 17.23 21.19 7.86
CA ILE B 322 16.37 21.05 6.68
C ILE B 322 16.27 22.39 5.91
N SER B 323 16.03 23.50 6.64
CA SER B 323 15.91 24.83 6.03
C SER B 323 17.20 25.26 5.34
N GLU B 324 18.36 25.00 5.99
CA GLU B 324 19.71 25.32 5.47
C GLU B 324 20.05 24.50 4.21
N SER B 325 19.53 23.26 4.12
CA SER B 325 19.74 22.34 2.99
C SER B 325 19.14 22.87 1.69
#